data_4GTB
#
_entry.id   4GTB
#
_cell.length_a   110.570
_cell.length_b   110.570
_cell.length_c   121.730
_cell.angle_alpha   90.00
_cell.angle_beta   90.00
_cell.angle_gamma   90.00
#
_symmetry.space_group_name_H-M   'I 41 2 2'
#
loop_
_entity.id
_entity.type
_entity.pdbx_description
1 polymer 'Thymidylate synthase thyX'
2 non-polymer 'FLAVIN-ADENINE DINUCLEOTIDE'
3 non-polymer "2'-DEOXYURIDINE 5'-MONOPHOSPHATE"
4 non-polymer TOMUDEX
5 non-polymer 'CHLORIDE ION'
6 water water
#
_entity_poly.entity_id   1
_entity_poly.type   'polypeptide(L)'
_entity_poly.pdbx_seq_one_letter_code
;MGSDKIHHHHHHMKIDILDKGFVELVDVMGNDLSAVRAARVSFDMGLKDEERDRHLIEYLMKHGHETPFEHIVFTFHVKA
PIFVARQWFRHRIASYNELSGRYSKLSYEFYIPSPERLEGYKTTIPPERVTEKISEIVDKAYRTYLELIESGVPREVARI
VLPLNLYTRFFWTVNARSLMNFLNLRADSHAQWEIQQYALAIARIFKEKCPWTFEAFLKYAYKGDILKEVQV
;
_entity_poly.pdbx_strand_id   A
#
loop_
_chem_comp.id
_chem_comp.type
_chem_comp.name
_chem_comp.formula
CL non-polymer 'CHLORIDE ION' 'Cl -1'
D16 non-polymer TOMUDEX 'C21 H22 N4 O6 S'
FAD non-polymer 'FLAVIN-ADENINE DINUCLEOTIDE' 'C27 H33 N9 O15 P2'
UMP non-polymer '2'-DEOXYURIDINE 5'-MONOPHOSPHATE' 'C9 H13 N2 O8 P'
#
# COMPACT_ATOMS: atom_id res chain seq x y z
N MET A 13 1.15 -2.01 -14.78
CA MET A 13 -0.15 -2.04 -14.06
C MET A 13 -0.21 -0.81 -13.15
N LYS A 14 -1.20 0.05 -13.39
CA LYS A 14 -1.49 1.18 -12.51
C LYS A 14 -2.98 1.23 -12.14
N ILE A 15 -3.28 1.52 -10.88
CA ILE A 15 -4.64 1.48 -10.40
C ILE A 15 -4.92 2.76 -9.59
N ASP A 16 -5.97 3.48 -9.98
CA ASP A 16 -6.38 4.69 -9.26
C ASP A 16 -7.02 4.28 -7.93
N ILE A 17 -6.70 5.05 -6.88
CA ILE A 17 -7.18 4.78 -5.52
C ILE A 17 -7.65 6.10 -4.96
N LEU A 18 -8.78 6.09 -4.24
CA LEU A 18 -9.35 7.30 -3.61
C LEU A 18 -9.63 8.34 -4.70
N ASP A 19 -9.57 9.62 -4.39
CA ASP A 19 -9.94 10.63 -5.32
C ASP A 19 -8.79 10.99 -6.29
N LYS A 20 -7.58 10.99 -5.75
CA LYS A 20 -6.38 11.41 -6.50
C LYS A 20 -5.17 10.46 -6.36
N GLY A 21 -5.31 9.34 -5.65
CA GLY A 21 -4.22 8.42 -5.43
C GLY A 21 -3.99 7.41 -6.53
N PHE A 22 -2.91 6.67 -6.39
CA PHE A 22 -2.65 5.53 -7.24
C PHE A 22 -1.67 4.57 -6.63
N VAL A 23 -1.66 3.38 -7.19
CA VAL A 23 -0.63 2.37 -6.98
C VAL A 23 -0.19 1.94 -8.37
N GLU A 24 1.13 1.94 -8.61
CA GLU A 24 1.67 1.50 -9.88
C GLU A 24 2.80 0.52 -9.64
N LEU A 25 2.84 -0.59 -10.36
CA LEU A 25 4.01 -1.49 -10.29
C LEU A 25 5.13 -0.92 -11.17
N VAL A 26 6.29 -0.66 -10.57
CA VAL A 26 7.49 -0.15 -11.27
C VAL A 26 8.39 -1.28 -11.78
N ASP A 27 8.55 -2.32 -10.98
CA ASP A 27 9.42 -3.43 -11.36
C ASP A 27 9.09 -4.63 -10.51
N VAL A 28 9.56 -5.77 -10.93
CA VAL A 28 9.35 -7.03 -10.19
C VAL A 28 10.53 -7.92 -10.52
N MET A 29 10.96 -8.70 -9.54
CA MET A 29 11.94 -9.75 -9.71
C MET A 29 11.30 -11.06 -9.36
N GLY A 30 11.31 -11.97 -10.33
CA GLY A 30 10.96 -13.32 -10.04
C GLY A 30 9.49 -13.53 -10.25
N ASN A 31 9.08 -14.76 -9.98
CA ASN A 31 7.73 -15.20 -10.21
C ASN A 31 7.50 -16.42 -9.31
N ASP A 32 6.40 -17.15 -9.54
CA ASP A 32 6.09 -18.31 -8.72
C ASP A 32 7.27 -19.29 -8.71
N LEU A 33 7.91 -19.47 -9.86
CA LEU A 33 8.96 -20.44 -9.94
C LEU A 33 10.22 -20.00 -9.16
N SER A 34 10.39 -18.72 -8.88
CA SER A 34 11.51 -18.25 -8.04
C SER A 34 11.45 -18.87 -6.66
N ALA A 35 10.23 -18.98 -6.14
CA ALA A 35 10.01 -19.62 -4.85
C ALA A 35 10.26 -21.11 -4.90
N VAL A 36 9.81 -21.79 -5.94
CA VAL A 36 10.01 -23.19 -6.10
C VAL A 36 11.52 -23.46 -6.21
N ARG A 37 12.23 -22.68 -7.00
CA ARG A 37 13.67 -22.92 -7.21
C ARG A 37 14.45 -22.69 -5.93
N ALA A 38 14.19 -21.52 -5.30
N ALA A 38 13.83 -22.03 -4.93
CA ALA A 38 14.92 -21.09 -4.10
CA ALA A 38 14.34 -21.93 -3.52
C ALA A 38 14.71 -22.20 -3.10
C ALA A 38 13.93 -23.03 -2.47
N ALA A 39 13.45 -22.65 -2.94
N ALA A 39 12.76 -23.67 -2.63
CA ALA A 39 13.13 -23.76 -2.03
CA ALA A 39 12.34 -24.75 -1.71
C ALA A 39 13.86 -25.06 -2.35
C ALA A 39 13.05 -26.07 -2.00
N ARG A 40 13.97 -25.39 -3.64
N ARG A 40 13.16 -26.37 -3.29
CA ARG A 40 14.70 -26.58 -4.07
CA ARG A 40 13.69 -27.65 -3.68
C ARG A 40 16.25 -26.37 -4.15
C ARG A 40 15.15 -27.73 -3.34
N VAL A 41 16.69 -25.12 -4.16
N VAL A 41 15.80 -26.57 -3.13
CA VAL A 41 18.12 -24.79 -4.44
CA VAL A 41 17.21 -26.65 -2.78
C VAL A 41 18.51 -25.39 -5.79
C VAL A 41 17.35 -27.50 -1.53
N SER A 42 17.66 -25.06 -6.77
N SER A 42 16.41 -27.40 -0.59
CA SER A 42 17.69 -25.69 -8.08
CA SER A 42 16.54 -28.20 0.63
C SER A 42 18.83 -25.25 -8.98
C SER A 42 16.83 -29.64 0.31
N PHE A 43 19.52 -26.22 -9.56
N PHE A 43 16.22 -30.16 -0.77
CA PHE A 43 20.38 -25.93 -10.70
CA PHE A 43 16.39 -31.56 -1.10
C PHE A 43 19.49 -25.69 -11.90
C PHE A 43 17.46 -31.77 -2.16
N ASP A 49 7.69 -30.67 -13.10
CA ASP A 49 6.57 -30.21 -13.94
C ASP A 49 5.67 -29.20 -13.21
N GLU A 50 4.81 -28.50 -13.96
CA GLU A 50 3.90 -27.47 -13.41
C GLU A 50 2.90 -28.02 -12.36
N GLU A 51 2.43 -29.25 -12.56
CA GLU A 51 1.62 -29.89 -11.53
C GLU A 51 2.41 -29.95 -10.22
N ARG A 52 3.65 -30.44 -10.28
CA ARG A 52 4.43 -30.55 -9.05
C ARG A 52 4.90 -29.22 -8.50
N ASP A 53 5.19 -28.24 -9.35
CA ASP A 53 5.64 -26.94 -8.88
C ASP A 53 4.51 -26.24 -8.13
N ARG A 54 3.30 -26.28 -8.69
CA ARG A 54 2.15 -25.74 -7.98
C ARG A 54 1.88 -26.49 -6.66
N HIS A 55 1.98 -27.81 -6.69
CA HIS A 55 1.79 -28.58 -5.45
C HIS A 55 2.80 -28.16 -4.37
N LEU A 56 4.04 -27.92 -4.76
CA LEU A 56 5.07 -27.47 -3.79
C LEU A 56 4.68 -26.13 -3.20
N ILE A 57 4.27 -25.19 -4.06
CA ILE A 57 3.82 -23.89 -3.54
C ILE A 57 2.71 -24.05 -2.49
N GLU A 58 1.70 -24.86 -2.79
CA GLU A 58 0.60 -25.06 -1.84
C GLU A 58 1.14 -25.70 -0.56
N TYR A 59 2.08 -26.61 -0.72
CA TYR A 59 2.70 -27.29 0.43
C TYR A 59 3.40 -26.28 1.32
N LEU A 60 4.23 -25.44 0.74
CA LEU A 60 4.96 -24.43 1.56
C LEU A 60 3.98 -23.51 2.30
N MET A 61 2.94 -23.10 1.62
CA MET A 61 2.01 -22.17 2.19
C MET A 61 1.21 -22.85 3.29
N LYS A 62 0.72 -24.06 3.06
CA LYS A 62 -0.12 -24.71 4.08
C LYS A 62 0.69 -25.05 5.33
N HIS A 63 2.01 -25.27 5.18
CA HIS A 63 2.86 -25.64 6.31
C HIS A 63 3.69 -24.53 6.91
N GLY A 64 3.57 -23.31 6.41
CA GLY A 64 4.23 -22.20 7.04
C GLY A 64 5.68 -22.06 6.64
N HIS A 65 6.07 -22.65 5.51
CA HIS A 65 7.45 -22.51 5.03
C HIS A 65 7.51 -21.25 4.17
N GLU A 66 7.68 -20.10 4.76
CA GLU A 66 7.50 -18.83 4.05
C GLU A 66 8.76 -18.25 3.44
N THR A 67 9.93 -18.63 3.93
CA THR A 67 11.17 -17.98 3.42
C THR A 67 11.36 -18.09 1.88
N PRO A 68 10.89 -19.17 1.24
CA PRO A 68 11.09 -19.24 -0.25
C PRO A 68 10.43 -18.07 -0.98
N PHE A 69 9.38 -17.48 -0.41
CA PHE A 69 8.69 -16.38 -1.05
C PHE A 69 9.41 -15.07 -0.92
N GLU A 70 10.47 -15.02 -0.10
CA GLU A 70 11.29 -13.82 0.01
C GLU A 70 12.10 -13.52 -1.28
N HIS A 71 12.23 -14.51 -2.16
CA HIS A 71 13.02 -14.37 -3.39
C HIS A 71 12.21 -13.74 -4.56
N ILE A 72 10.97 -13.36 -4.27
CA ILE A 72 10.11 -12.62 -5.22
C ILE A 72 10.02 -11.21 -4.66
N VAL A 73 10.36 -10.20 -5.45
CA VAL A 73 10.43 -8.86 -4.96
C VAL A 73 9.69 -7.91 -5.92
N PHE A 74 8.96 -6.96 -5.37
CA PHE A 74 8.23 -5.93 -6.12
C PHE A 74 8.73 -4.54 -5.78
N THR A 75 8.67 -3.61 -6.76
CA THR A 75 8.73 -2.17 -6.45
C THR A 75 7.50 -1.49 -6.96
N PHE A 76 6.83 -0.77 -6.07
CA PHE A 76 5.67 0.03 -6.37
C PHE A 76 5.97 1.53 -6.23
N HIS A 77 5.23 2.32 -7.00
CA HIS A 77 5.15 3.77 -6.84
C HIS A 77 3.69 4.04 -6.38
N VAL A 78 3.59 4.67 -5.22
CA VAL A 78 2.32 4.92 -4.54
C VAL A 78 2.11 6.40 -4.28
N LYS A 79 0.91 6.89 -4.60
CA LYS A 79 0.46 8.25 -4.26
C LYS A 79 -0.70 8.09 -3.29
N ALA A 80 -0.49 8.59 -2.07
CA ALA A 80 -1.43 8.37 -0.97
C ALA A 80 -1.39 9.54 0.02
N PRO A 81 -2.47 9.78 0.75
CA PRO A 81 -2.43 10.80 1.78
C PRO A 81 -1.46 10.45 2.91
N ILE A 82 -0.93 11.46 3.59
CA ILE A 82 0.01 11.20 4.68
C ILE A 82 -0.53 10.25 5.74
N PHE A 83 -1.78 10.37 6.15
CA PHE A 83 -2.28 9.49 7.22
C PHE A 83 -2.27 8.01 6.78
N VAL A 84 -2.44 7.76 5.49
CA VAL A 84 -2.32 6.40 4.96
C VAL A 84 -0.83 5.99 4.98
N ALA A 85 0.06 6.87 4.51
CA ALA A 85 1.47 6.57 4.42
C ALA A 85 2.03 6.28 5.82
N ARG A 86 1.54 6.99 6.83
CA ARG A 86 1.99 6.79 8.23
CA ARG A 86 2.04 6.77 8.19
C ARG A 86 1.72 5.35 8.68
N GLN A 87 0.57 4.82 8.31
CA GLN A 87 0.25 3.47 8.65
C GLN A 87 1.13 2.49 7.83
N TRP A 88 1.23 2.75 6.55
CA TRP A 88 1.97 1.88 5.62
C TRP A 88 3.43 1.75 6.00
N PHE A 89 4.05 2.87 6.40
CA PHE A 89 5.48 2.89 6.68
C PHE A 89 5.79 2.22 8.00
N ARG A 90 4.77 1.77 8.77
CA ARG A 90 5.04 0.90 9.93
C ARG A 90 5.56 -0.47 9.56
N HIS A 91 5.39 -0.87 8.32
CA HIS A 91 5.90 -2.11 7.77
C HIS A 91 7.39 -1.99 7.50
N ARG A 92 8.17 -2.44 8.47
CA ARG A 92 9.61 -2.21 8.53
C ARG A 92 10.40 -3.09 7.59
N ILE A 93 9.86 -4.25 7.28
CA ILE A 93 10.58 -5.24 6.45
C ILE A 93 10.25 -4.89 4.97
N ALA A 94 10.86 -3.81 4.55
CA ALA A 94 10.59 -3.21 3.24
C ALA A 94 11.49 -2.00 3.12
N SER A 95 11.47 -1.38 1.94
CA SER A 95 12.29 -0.21 1.63
C SER A 95 11.39 0.90 1.08
N TYR A 96 11.67 2.14 1.51
CA TYR A 96 10.87 3.32 1.18
C TYR A 96 11.75 4.49 0.74
N ASN A 97 11.26 5.25 -0.25
CA ASN A 97 11.79 6.59 -0.51
C ASN A 97 10.62 7.47 -0.86
N GLU A 98 10.51 8.58 -0.12
CA GLU A 98 9.34 9.45 -0.15
C GLU A 98 9.70 10.87 -0.48
N LEU A 99 8.77 11.54 -1.15
CA LEU A 99 8.86 13.00 -1.39
C LEU A 99 9.04 13.76 -0.07
N SER A 100 9.91 14.77 -0.08
CA SER A 100 10.26 15.51 1.10
C SER A 100 9.69 16.92 1.13
N GLY A 101 9.06 17.26 2.24
CA GLY A 101 8.62 18.62 2.49
C GLY A 101 9.69 19.55 2.98
N ARG A 102 10.87 19.03 3.27
CA ARG A 102 12.01 19.84 3.59
C ARG A 102 12.61 20.32 2.27
N TYR A 103 12.64 19.41 1.31
CA TYR A 103 13.42 19.61 0.07
C TYR A 103 12.60 20.15 -1.12
N SER A 104 11.27 20.11 -1.07
CA SER A 104 10.48 20.61 -2.20
C SER A 104 9.27 21.38 -1.71
N LYS A 105 8.75 22.24 -2.57
CA LYS A 105 7.43 22.83 -2.34
C LYS A 105 6.40 21.72 -2.59
N LEU A 106 5.50 21.52 -1.64
CA LEU A 106 4.48 20.48 -1.70
C LEU A 106 3.24 21.00 -2.48
N SER A 107 2.71 20.10 -3.28
CA SER A 107 1.59 20.42 -4.17
C SER A 107 0.24 20.46 -3.43
N TYR A 108 -0.66 21.31 -3.94
CA TYR A 108 -2.01 21.46 -3.41
C TYR A 108 -2.79 20.25 -3.93
N GLU A 109 -2.75 19.16 -3.17
CA GLU A 109 -3.51 17.94 -3.48
C GLU A 109 -3.85 17.29 -2.15
N PHE A 110 -5.15 17.18 -1.89
CA PHE A 110 -5.67 16.63 -0.61
C PHE A 110 -6.72 15.59 -0.89
N TYR A 111 -6.72 14.56 -0.05
CA TYR A 111 -7.81 13.60 -0.01
C TYR A 111 -9.07 14.15 0.65
N ILE A 112 -10.13 14.26 -0.14
CA ILE A 112 -11.42 14.70 0.33
C ILE A 112 -12.32 13.45 0.27
N PRO A 113 -12.77 12.98 1.44
CA PRO A 113 -13.65 11.81 1.43
C PRO A 113 -14.88 12.05 0.58
N SER A 114 -15.35 10.99 -0.07
CA SER A 114 -16.62 11.07 -0.76
C SER A 114 -17.77 11.08 0.30
N PRO A 115 -18.95 11.57 -0.06
CA PRO A 115 -20.03 11.54 0.96
C PRO A 115 -20.41 10.11 1.41
N GLU A 116 -20.16 9.12 0.54
CA GLU A 116 -20.41 7.69 0.81
C GLU A 116 -19.47 7.16 1.90
N ARG A 117 -18.38 7.86 2.16
CA ARG A 117 -17.44 7.44 3.21
C ARG A 117 -18.09 7.36 4.60
N LEU A 118 -19.14 8.13 4.83
CA LEU A 118 -19.79 8.15 6.14
C LEU A 118 -21.07 7.31 6.16
N GLU A 119 -21.25 6.45 5.16
CA GLU A 119 -22.44 5.58 5.11
C GLU A 119 -22.36 4.59 6.31
N GLY A 120 -23.44 4.45 7.06
CA GLY A 120 -23.43 3.67 8.31
C GLY A 120 -23.53 4.58 9.53
N TYR A 121 -22.91 5.77 9.46
CA TYR A 121 -22.92 6.71 10.59
C TYR A 121 -24.01 7.77 10.49
N LYS A 122 -24.82 7.87 11.54
CA LYS A 122 -25.75 8.99 11.69
C LYS A 122 -24.90 10.22 12.06
N THR A 123 -25.00 11.29 11.29
CA THR A 123 -24.28 12.53 11.61
C THR A 123 -25.26 13.69 11.73
N THR A 124 -24.98 14.59 12.66
CA THR A 124 -25.84 15.72 12.91
C THR A 124 -25.56 16.89 11.96
N ILE A 125 -24.61 16.72 11.04
CA ILE A 125 -24.59 17.55 9.86
C ILE A 125 -24.51 16.70 8.60
N PRO A 126 -25.15 17.16 7.50
CA PRO A 126 -25.24 16.39 6.25
C PRO A 126 -23.86 15.95 5.74
N PRO A 127 -23.74 14.72 5.18
CA PRO A 127 -22.43 14.26 4.74
C PRO A 127 -21.76 15.18 3.70
N GLU A 128 -22.54 15.84 2.86
CA GLU A 128 -22.00 16.81 1.91
C GLU A 128 -21.37 18.04 2.58
N ARG A 129 -21.94 18.49 3.69
CA ARG A 129 -21.37 19.57 4.49
C ARG A 129 -20.08 19.13 5.23
N VAL A 130 -19.98 17.87 5.62
CA VAL A 130 -18.70 17.36 6.19
C VAL A 130 -17.62 17.54 5.13
N THR A 131 -17.96 17.11 3.91
CA THR A 131 -17.06 17.16 2.74
C THR A 131 -16.58 18.61 2.48
N GLU A 132 -17.48 19.56 2.60
CA GLU A 132 -17.15 20.97 2.40
C GLU A 132 -16.31 21.58 3.53
N LYS A 133 -16.65 21.24 4.77
CA LYS A 133 -15.81 21.63 5.91
C LYS A 133 -14.37 21.14 5.80
N ILE A 134 -14.16 19.91 5.34
CA ILE A 134 -12.83 19.37 5.16
C ILE A 134 -12.12 20.15 4.02
N SER A 135 -12.81 20.36 2.89
CA SER A 135 -12.22 21.18 1.80
C SER A 135 -11.80 22.57 2.26
N GLU A 136 -12.66 23.20 3.06
CA GLU A 136 -12.47 24.57 3.52
C GLU A 136 -11.20 24.71 4.36
N ILE A 137 -10.99 23.77 5.28
CA ILE A 137 -9.88 23.86 6.19
C ILE A 137 -8.57 23.54 5.47
N VAL A 138 -8.59 22.57 4.56
CA VAL A 138 -7.37 22.30 3.80
C VAL A 138 -6.98 23.47 2.86
N ASP A 139 -7.98 24.13 2.29
CA ASP A 139 -7.72 25.34 1.53
C ASP A 139 -7.08 26.43 2.40
N LYS A 140 -7.63 26.68 3.59
CA LYS A 140 -7.04 27.70 4.49
C LYS A 140 -5.59 27.33 4.89
N ALA A 141 -5.36 26.05 5.18
CA ALA A 141 -4.05 25.54 5.59
C ALA A 141 -3.04 25.73 4.43
N TYR A 142 -3.43 25.39 3.20
CA TYR A 142 -2.48 25.53 2.10
C TYR A 142 -2.21 26.99 1.87
N ARG A 143 -3.25 27.83 1.92
CA ARG A 143 -3.08 29.28 1.79
C ARG A 143 -2.06 29.80 2.81
N THR A 144 -2.13 29.32 4.07
CA THR A 144 -1.14 29.71 5.10
C THR A 144 0.28 29.23 4.77
N TYR A 145 0.38 27.99 4.35
CA TYR A 145 1.65 27.37 3.94
C TYR A 145 2.28 28.24 2.86
N LEU A 146 1.50 28.63 1.85
CA LEU A 146 2.09 29.38 0.74
C LEU A 146 2.49 30.79 1.18
N GLU A 147 1.68 31.41 2.02
CA GLU A 147 1.98 32.72 2.58
C GLU A 147 3.33 32.68 3.31
N LEU A 148 3.55 31.60 4.09
CA LEU A 148 4.79 31.45 4.85
C LEU A 148 5.97 31.24 3.89
N ILE A 149 5.79 30.36 2.93
CA ILE A 149 6.84 30.11 1.93
C ILE A 149 7.21 31.38 1.22
N GLU A 150 6.21 32.16 0.78
CA GLU A 150 6.48 33.32 -0.02
C GLU A 150 7.02 34.49 0.82
N SER A 151 6.89 34.40 2.15
CA SER A 151 7.50 35.37 3.05
C SER A 151 8.95 34.98 3.46
N GLY A 152 9.45 33.87 2.96
CA GLY A 152 10.82 33.43 3.23
C GLY A 152 11.01 32.48 4.38
N VAL A 153 9.91 31.99 4.96
CA VAL A 153 9.98 30.91 5.93
C VAL A 153 10.50 29.64 5.29
N PRO A 154 11.50 28.98 5.91
CA PRO A 154 11.96 27.74 5.32
C PRO A 154 10.86 26.74 5.09
N ARG A 155 10.94 26.03 3.98
CA ARG A 155 9.95 25.03 3.65
C ARG A 155 9.71 24.05 4.76
N GLU A 156 10.78 23.60 5.40
CA GLU A 156 10.67 22.55 6.41
C GLU A 156 9.84 22.97 7.66
N VAL A 157 9.77 24.26 7.89
CA VAL A 157 8.93 24.86 8.94
C VAL A 157 7.52 25.17 8.39
N ALA A 158 7.45 25.84 7.24
CA ALA A 158 6.15 26.19 6.65
C ALA A 158 5.19 25.03 6.52
N ARG A 159 5.69 23.86 6.16
CA ARG A 159 4.85 22.71 5.88
C ARG A 159 4.14 22.13 7.11
N ILE A 160 4.51 22.57 8.31
CA ILE A 160 4.02 21.93 9.52
C ILE A 160 2.53 22.28 9.75
N VAL A 161 2.03 23.28 9.03
CA VAL A 161 0.62 23.66 9.10
C VAL A 161 -0.29 22.81 8.19
N LEU A 162 0.31 21.97 7.33
CA LEU A 162 -0.45 21.21 6.37
C LEU A 162 -1.09 19.97 7.04
N PRO A 163 -2.32 19.65 6.64
CA PRO A 163 -3.04 18.55 7.27
C PRO A 163 -2.61 17.18 6.80
N LEU A 164 -3.02 16.19 7.58
CA LEU A 164 -2.69 14.80 7.31
C LEU A 164 -3.30 14.19 6.04
N ASN A 165 -4.27 14.88 5.43
CA ASN A 165 -4.86 14.38 4.17
C ASN A 165 -4.11 14.91 2.92
N LEU A 166 -3.04 15.63 3.15
CA LEU A 166 -2.10 15.99 2.02
C LEU A 166 -1.63 14.76 1.32
N TYR A 167 -1.62 14.76 -0.02
CA TYR A 167 -1.02 13.64 -0.71
C TYR A 167 0.49 13.69 -0.70
N THR A 168 1.08 12.50 -0.57
CA THR A 168 2.52 12.32 -0.73
C THR A 168 2.73 11.17 -1.71
N ARG A 169 3.98 10.91 -2.07
CA ARG A 169 4.32 9.85 -3.04
C ARG A 169 5.57 9.16 -2.56
N PHE A 170 5.64 7.84 -2.79
CA PHE A 170 6.81 7.10 -2.41
C PHE A 170 6.99 5.87 -3.30
N PHE A 171 8.25 5.39 -3.31
CA PHE A 171 8.59 4.10 -3.90
C PHE A 171 8.70 3.12 -2.71
N TRP A 172 8.19 1.93 -2.92
CA TRP A 172 8.13 0.83 -1.95
C TRP A 172 8.68 -0.43 -2.59
N THR A 173 9.75 -0.98 -2.00
CA THR A 173 10.31 -2.24 -2.49
C THR A 173 10.10 -3.26 -1.37
N VAL A 174 9.44 -4.34 -1.73
CA VAL A 174 8.93 -5.30 -0.72
C VAL A 174 8.95 -6.69 -1.30
N ASN A 175 9.38 -7.71 -0.55
CA ASN A 175 9.32 -9.07 -1.01
C ASN A 175 7.95 -9.73 -0.76
N ALA A 176 7.68 -10.84 -1.41
CA ALA A 176 6.37 -11.43 -1.36
C ALA A 176 5.96 -11.90 0.04
N ARG A 177 6.93 -12.27 0.88
CA ARG A 177 6.60 -12.66 2.25
C ARG A 177 6.11 -11.48 3.07
N SER A 178 6.87 -10.40 3.04
CA SER A 178 6.47 -9.17 3.70
C SER A 178 5.18 -8.59 3.07
N LEU A 179 4.99 -8.73 1.76
CA LEU A 179 3.74 -8.31 1.12
C LEU A 179 2.54 -9.13 1.64
N MET A 180 2.71 -10.43 1.87
CA MET A 180 1.64 -11.27 2.45
C MET A 180 1.28 -10.80 3.87
N ASN A 181 2.28 -10.45 4.67
CA ASN A 181 2.02 -9.84 5.97
C ASN A 181 1.23 -8.53 5.84
N PHE A 182 1.63 -7.70 4.89
CA PHE A 182 0.93 -6.45 4.65
C PHE A 182 -0.51 -6.72 4.29
N LEU A 183 -0.76 -7.71 3.43
CA LEU A 183 -2.10 -7.99 3.01
C LEU A 183 -2.92 -8.59 4.17
N ASN A 184 -2.30 -9.44 5.00
CA ASN A 184 -3.04 -9.95 6.14
C ASN A 184 -3.60 -8.82 7.05
N LEU A 185 -2.80 -7.81 7.24
CA LEU A 185 -3.08 -6.71 8.17
C LEU A 185 -3.89 -5.57 7.55
N ARG A 186 -3.64 -5.27 6.28
CA ARG A 186 -4.25 -4.10 5.63
C ARG A 186 -5.39 -4.43 4.68
N ALA A 187 -5.40 -5.62 4.07
CA ALA A 187 -6.57 -6.08 3.36
C ALA A 187 -7.45 -6.80 4.35
N ASP A 188 -8.04 -6.02 5.25
CA ASP A 188 -8.81 -6.59 6.34
C ASP A 188 -9.66 -5.46 6.92
N SER A 189 -10.83 -5.84 7.41
CA SER A 189 -11.86 -4.93 7.88
C SER A 189 -11.39 -4.07 9.06
N HIS A 190 -10.38 -4.55 9.79
CA HIS A 190 -9.92 -3.83 10.97
C HIS A 190 -9.03 -2.66 10.59
N ALA A 191 -8.42 -2.72 9.41
CA ALA A 191 -7.58 -1.65 8.92
C ALA A 191 -8.48 -0.48 8.49
N GLN A 192 -7.92 0.72 8.49
CA GLN A 192 -8.73 1.91 8.07
C GLN A 192 -9.13 1.72 6.58
N TRP A 193 -10.37 2.09 6.28
CA TRP A 193 -10.93 1.88 4.92
C TRP A 193 -9.99 2.39 3.87
N GLU A 194 -9.41 3.57 4.06
CA GLU A 194 -8.54 4.14 3.04
C GLU A 194 -7.34 3.27 2.68
N ILE A 195 -6.61 2.74 3.65
CA ILE A 195 -5.52 1.83 3.35
C ILE A 195 -6.00 0.48 2.83
N GLN A 196 -7.19 0.02 3.23
CA GLN A 196 -7.78 -1.18 2.61
C GLN A 196 -7.83 -1.05 1.09
N GLN A 197 -8.21 0.14 0.62
CA GLN A 197 -8.36 0.36 -0.83
CA GLN A 197 -8.35 0.34 -0.83
C GLN A 197 -7.00 0.20 -1.53
N TYR A 198 -5.94 0.70 -0.90
CA TYR A 198 -4.55 0.51 -1.41
C TYR A 198 -4.18 -0.96 -1.38
N ALA A 199 -4.52 -1.63 -0.26
CA ALA A 199 -4.19 -3.07 -0.14
C ALA A 199 -4.87 -3.95 -1.19
N LEU A 200 -6.10 -3.63 -1.55
CA LEU A 200 -6.82 -4.36 -2.58
C LEU A 200 -6.11 -4.20 -3.92
N ALA A 201 -5.62 -3.00 -4.21
CA ALA A 201 -4.81 -2.80 -5.44
C ALA A 201 -3.50 -3.58 -5.45
N ILE A 202 -2.78 -3.57 -4.36
CA ILE A 202 -1.54 -4.32 -4.17
C ILE A 202 -1.86 -5.80 -4.40
N ALA A 203 -2.98 -6.29 -3.87
CA ALA A 203 -3.33 -7.71 -4.00
C ALA A 203 -3.59 -8.08 -5.46
N ARG A 204 -4.25 -7.18 -6.17
CA ARG A 204 -4.54 -7.43 -7.57
C ARG A 204 -3.26 -7.59 -8.36
N ILE A 205 -2.29 -6.71 -8.12
CA ILE A 205 -0.99 -6.80 -8.79
C ILE A 205 -0.22 -8.07 -8.43
N PHE A 206 -0.23 -8.41 -7.15
CA PHE A 206 0.42 -9.62 -6.67
C PHE A 206 -0.18 -10.86 -7.33
N LYS A 207 -1.51 -10.93 -7.38
CA LYS A 207 -2.20 -12.04 -8.02
C LYS A 207 -1.80 -12.18 -9.49
N GLU A 208 -1.69 -11.04 -10.16
CA GLU A 208 -1.35 -11.04 -11.59
C GLU A 208 0.07 -11.58 -11.85
N LYS A 209 1.01 -11.19 -10.97
CA LYS A 209 2.41 -11.55 -11.18
C LYS A 209 2.78 -12.92 -10.64
N CYS A 210 2.06 -13.36 -9.60
CA CYS A 210 2.34 -14.62 -8.90
C CYS A 210 1.05 -15.37 -8.63
N PRO A 211 0.38 -15.84 -9.66
CA PRO A 211 -0.93 -16.45 -9.45
C PRO A 211 -0.95 -17.70 -8.54
N TRP A 212 0.04 -18.57 -8.66
CA TRP A 212 0.03 -19.78 -7.83
C TRP A 212 0.25 -19.42 -6.35
N THR A 213 1.21 -18.53 -6.07
CA THR A 213 1.49 -18.06 -4.75
C THR A 213 0.28 -17.37 -4.18
N PHE A 214 -0.36 -16.51 -4.97
CA PHE A 214 -1.51 -15.76 -4.45
C PHE A 214 -2.65 -16.68 -4.10
N GLU A 215 -2.98 -17.61 -4.99
CA GLU A 215 -4.10 -18.48 -4.74
C GLU A 215 -3.83 -19.38 -3.55
N ALA A 216 -2.59 -19.86 -3.42
CA ALA A 216 -2.20 -20.68 -2.27
C ALA A 216 -2.25 -19.86 -0.98
N PHE A 217 -1.83 -18.61 -1.04
CA PHE A 217 -1.93 -17.66 0.07
C PHE A 217 -3.39 -17.53 0.56
N LEU A 218 -4.29 -17.20 -0.34
CA LEU A 218 -5.70 -17.08 0.02
C LEU A 218 -6.28 -18.34 0.65
N LYS A 219 -5.93 -19.48 0.09
CA LYS A 219 -6.48 -20.76 0.50
C LYS A 219 -6.01 -21.19 1.89
N TYR A 220 -4.74 -20.94 2.16
CA TYR A 220 -4.09 -21.54 3.31
C TYR A 220 -3.55 -20.61 4.36
N ALA A 221 -3.18 -19.39 4.01
CA ALA A 221 -2.39 -18.58 4.95
C ALA A 221 -2.98 -17.21 5.24
N TYR A 222 -3.76 -16.66 4.31
CA TYR A 222 -4.28 -15.29 4.46
C TYR A 222 -5.21 -15.21 5.66
N LYS A 223 -4.94 -14.19 6.48
CA LYS A 223 -5.59 -14.03 7.79
C LYS A 223 -6.71 -12.99 7.80
N GLY A 224 -6.77 -12.16 6.77
CA GLY A 224 -7.81 -11.15 6.68
C GLY A 224 -9.15 -11.61 6.23
N ASP A 225 -10.07 -10.65 6.10
CA ASP A 225 -11.47 -10.96 5.80
C ASP A 225 -12.09 -10.23 4.59
N ILE A 226 -11.26 -9.65 3.71
CA ILE A 226 -11.75 -8.99 2.49
C ILE A 226 -11.44 -9.79 1.21
N LEU A 227 -10.21 -10.28 1.04
CA LEU A 227 -9.85 -10.93 -0.22
C LEU A 227 -10.55 -12.30 -0.37
N LYS A 228 -10.95 -12.69 -1.58
CA LYS A 228 -11.76 -13.93 -1.70
C LYS A 228 -11.32 -14.89 -2.84
PA FAD B . 17.19 1.95 9.89
O1A FAD B . 16.03 1.76 8.96
O2A FAD B . 17.03 1.82 11.38
O5B FAD B . 18.28 0.83 9.47
C5B FAD B . 19.47 0.69 10.26
C4B FAD B . 20.50 -0.02 9.39
O4B FAD B . 20.00 -1.31 9.02
C3B FAD B . 20.76 0.71 8.10
O3B FAD B . 21.76 1.71 8.25
C2B FAD B . 21.13 -0.38 7.11
O2B FAD B . 22.49 -0.75 7.34
C1B FAD B . 20.24 -1.50 7.63
N9A FAD B . 18.95 -1.73 7.02
C8A FAD B . 17.74 -1.79 7.64
N7A FAD B . 16.80 -2.20 6.76
C5A FAD B . 17.43 -2.46 5.58
C6A FAD B . 17.05 -2.92 4.32
N6A FAD B . 15.81 -3.26 4.04
N1A FAD B . 18.01 -3.07 3.39
C2A FAD B . 19.28 -2.76 3.59
N3A FAD B . 19.73 -2.33 4.77
C4A FAD B . 18.81 -2.15 5.77
N1 FAD B . 13.92 9.51 3.26
C2 FAD B . 13.16 9.75 2.25
O2 FAD B . 12.38 8.86 1.92
N3 FAD B . 13.18 10.91 1.57
C4 FAD B . 13.98 11.94 1.85
O4 FAD B . 14.03 13.03 1.26
C4X FAD B . 14.86 11.77 2.97
N5 FAD B . 15.71 12.80 3.40
C5X FAD B . 16.47 12.52 4.55
C6 FAD B . 17.37 13.62 4.96
C7 FAD B . 18.19 13.40 6.16
C7M FAD B . 19.11 14.56 6.57
C8 FAD B . 18.14 12.12 6.86
C8M FAD B . 18.99 11.94 8.10
C9 FAD B . 17.30 11.13 6.46
C9A FAD B . 16.42 11.27 5.31
N10 FAD B . 15.62 10.33 4.88
C10 FAD B . 14.80 10.53 3.74
C1' FAD B . 15.43 9.06 5.56
C2' FAD B . 16.48 8.03 5.24
O2' FAD B . 16.28 7.66 3.87
C3' FAD B . 16.35 6.82 6.19
O3' FAD B . 15.08 6.19 6.05
C4' FAD B . 16.60 7.16 7.66
O4' FAD B . 17.77 7.96 7.76
C5' FAD B . 16.83 5.90 8.53
O5' FAD B . 18.17 5.44 8.23
P FAD B . 18.51 3.86 8.16
O1P FAD B . 17.91 3.11 7.04
O2P FAD B . 19.98 3.85 8.26
O3P FAD B . 17.95 3.34 9.59
N1 UMP C . 12.72 12.07 5.99
C2 UMP C . 13.50 11.87 7.12
N3 UMP C . 14.32 12.87 7.51
C4 UMP C . 14.49 14.03 6.85
C5 UMP C . 13.78 14.23 5.66
C6 UMP C . 12.92 13.23 5.27
O2 UMP C . 13.37 10.83 7.78
O4 UMP C . 15.32 14.89 7.27
C1' UMP C . 11.77 11.04 5.57
C2' UMP C . 10.56 11.08 6.49
C3' UMP C . 9.38 10.94 5.58
C4' UMP C . 9.85 11.52 4.25
O3' UMP C . 9.05 9.55 5.36
O4' UMP C . 11.27 11.28 4.26
C5' UMP C . 9.52 13.01 4.03
O5' UMP C . 9.84 13.72 5.22
P UMP C . 9.96 15.33 5.23
OP1 UMP C . 11.12 15.77 4.37
OP2 UMP C . 10.12 15.67 6.71
OP3 UMP C . 8.64 15.79 4.64
N1 D16 D . 19.49 9.63 3.63
C2 D16 D . 20.35 10.17 4.53
CM2 D16 D . 20.99 9.28 5.54
N3 D16 D . 20.66 11.49 4.52
C4 D16 D . 20.14 12.33 3.60
O4 D16 D . 20.43 13.56 3.63
C4A D16 D . 19.19 11.79 2.58
C5 D16 D . 18.58 12.58 1.62
C6 D16 D . 17.72 11.99 0.68
C7 D16 D . 17.42 10.60 0.73
C8 D16 D . 18.00 9.77 1.72
C8A D16 D . 18.89 10.33 2.64
C9 D16 D . 17.09 12.91 -0.37
N10 D16 D . 18.06 13.55 -1.26
CP1 D16 D . 18.16 13.10 -2.65
CL CL E . 0.14 22.45 -7.21
#